data_6OVB
#
_entry.id   6OVB
#
_cell.length_a   126.177
_cell.length_b   126.177
_cell.length_c   126.219
_cell.angle_alpha   90.00
_cell.angle_beta   90.00
_cell.angle_gamma   120.00
#
_symmetry.space_group_name_H-M   'P 32 2 1'
#
loop_
_entity.id
_entity.type
_entity.pdbx_description
1 polymer 'Active core crystal toxin protein 1D'
2 water water
#
_entity_poly.entity_id   1
_entity_poly.type   'polypeptide(L)'
_entity_poly.pdbx_seq_one_letter_code
;RLETGNTVADISLGLINFLYSNFVPGGGFIVGLLELIWGFIGPSQWDIFLAQIEQLISQRIEEFARNQAISRLEGLSNLY
KCYVRAFSDWEKDPTNPALRECMRIQFNDMNSALITAIPLFRVQNYEVALLSVYVQAANLHLSILRDVSVFGERWGYDTA
TINNRYSDLTSLIHVYTNHCVDTYNQGLRRLEGRFLSDWIVYNRFRRQLTISVLDIVAFFPNYDIRTYPIQTATQLTREV
YLDLPFINENLSPAAVYPTFSAAESAIIRSPHLVDFLNSFTIYTDSLARSAYWGGHLVNSFRTGTTTNLIRSPLYGREGN
TERPVTITASPSVPIFRTLSYPTGLDNSNPVAGIEGVEFQNTISRSIYRKSGPIDSFSELPPQDASVSPAIGYSHRLCHA
TFLERISGPRIAGTVFSWTHRSASPTNEVSPSRITQIPWVKAHTLASGASVIKGPGFTGGDILTRNSMGELGTLRVTFTG
RLPQSYYIRFRYASVANRSGTFRYSQPPSYGISFPKTMDAGEPLTSRSFAHTTLFTPITFSRAQEEFDLYIQSGVYIDRI
EFIPVTATFEAEYDLER
;
_entity_poly.pdbx_strand_id   A
#
# COMPACT_ATOMS: atom_id res chain seq x y z
N LEU A 2 -21.98 -19.17 5.72
CA LEU A 2 -20.99 -18.30 6.34
C LEU A 2 -20.23 -17.48 5.28
N GLU A 3 -20.26 -16.16 5.42
CA GLU A 3 -19.60 -15.27 4.47
C GLU A 3 -18.09 -15.55 4.41
N THR A 4 -17.52 -15.51 3.21
CA THR A 4 -16.13 -15.91 3.03
C THR A 4 -15.11 -14.80 3.31
N GLY A 5 -15.48 -13.52 3.22
CA GLY A 5 -14.45 -12.51 3.18
C GLY A 5 -13.73 -12.46 1.83
N ASN A 6 -12.88 -11.47 1.63
CA ASN A 6 -12.27 -11.22 0.33
C ASN A 6 -11.03 -12.10 0.16
N THR A 7 -11.17 -13.24 -0.55
CA THR A 7 -10.04 -14.16 -0.63
C THR A 7 -8.86 -13.55 -1.39
N VAL A 8 -9.13 -12.66 -2.35
CA VAL A 8 -8.05 -11.97 -3.05
C VAL A 8 -7.29 -11.03 -2.10
N ALA A 9 -8.01 -10.32 -1.22
CA ALA A 9 -7.36 -9.50 -0.21
C ALA A 9 -6.51 -10.35 0.73
N ASP A 10 -7.01 -11.53 1.09
CA ASP A 10 -6.28 -12.40 1.99
C ASP A 10 -4.94 -12.80 1.37
N ILE A 11 -4.97 -13.29 0.13
CA ILE A 11 -3.79 -13.74 -0.57
C ILE A 11 -2.82 -12.59 -0.79
N SER A 12 -3.34 -11.42 -1.19
CA SER A 12 -2.51 -10.25 -1.44
C SER A 12 -1.76 -9.82 -0.19
N LEU A 13 -2.47 -9.69 0.94
CA LEU A 13 -1.85 -9.15 2.15
C LEU A 13 -0.87 -10.13 2.74
N GLY A 14 -1.11 -11.43 2.59
CA GLY A 14 -0.09 -12.42 2.94
C GLY A 14 1.16 -12.26 2.11
N LEU A 15 1.00 -11.98 0.81
CA LEU A 15 2.15 -11.68 -0.04
C LEU A 15 2.84 -10.39 0.37
N ILE A 16 2.06 -9.35 0.71
CA ILE A 16 2.63 -8.07 1.09
C ILE A 16 3.48 -8.22 2.34
N ASN A 17 2.94 -8.94 3.33
CA ASN A 17 3.70 -9.25 4.54
C ASN A 17 5.07 -9.81 4.21
N PHE A 18 5.11 -10.76 3.27
CA PHE A 18 6.37 -11.39 2.88
C PHE A 18 7.28 -10.40 2.16
N LEU A 19 6.75 -9.62 1.21
CA LEU A 19 7.57 -8.65 0.52
C LEU A 19 8.17 -7.63 1.48
N TYR A 20 7.43 -7.26 2.53
CA TYR A 20 7.95 -6.31 3.49
C TYR A 20 9.03 -6.93 4.38
N SER A 21 8.87 -8.21 4.75
CA SER A 21 9.67 -8.83 5.81
C SER A 21 10.85 -9.65 5.32
N ASN A 22 10.88 -10.05 4.05
CA ASN A 22 11.85 -11.04 3.60
C ASN A 22 12.43 -10.71 2.23
N PHE A 23 12.45 -9.43 1.84
CA PHE A 23 12.85 -9.04 0.49
C PHE A 23 14.36 -9.10 0.37
N VAL A 24 14.87 -10.31 0.19
CA VAL A 24 16.31 -10.51 0.10
C VAL A 24 16.58 -11.73 -0.77
N PRO A 25 17.51 -11.64 -1.72
CA PRO A 25 17.73 -12.77 -2.66
C PRO A 25 18.02 -14.08 -1.95
N GLY A 26 17.73 -15.18 -2.63
CA GLY A 26 17.99 -16.50 -2.10
C GLY A 26 16.80 -17.42 -2.23
N GLY A 27 17.01 -18.67 -1.84
CA GLY A 27 15.97 -19.67 -1.96
C GLY A 27 14.76 -19.38 -1.10
N GLY A 28 14.95 -18.69 0.03
CA GLY A 28 13.81 -18.34 0.86
C GLY A 28 12.78 -17.53 0.11
N PHE A 29 13.24 -16.54 -0.66
CA PHE A 29 12.35 -15.75 -1.49
C PHE A 29 11.81 -16.56 -2.65
N ILE A 30 12.65 -17.42 -3.23
CA ILE A 30 12.21 -18.21 -4.37
C ILE A 30 11.09 -19.17 -3.97
N VAL A 31 11.23 -19.79 -2.79
CA VAL A 31 10.21 -20.69 -2.26
C VAL A 31 9.01 -19.91 -1.71
N GLY A 32 9.24 -18.70 -1.19
CA GLY A 32 8.14 -17.90 -0.66
C GLY A 32 7.08 -17.62 -1.70
N LEU A 33 7.49 -17.19 -2.90
CA LEU A 33 6.52 -16.90 -3.96
C LEU A 33 5.74 -18.15 -4.32
N LEU A 34 6.39 -19.31 -4.31
CA LEU A 34 5.67 -20.54 -4.59
C LEU A 34 4.67 -20.85 -3.49
N GLU A 35 5.09 -20.71 -2.23
CA GLU A 35 4.22 -21.12 -1.14
C GLU A 35 3.05 -20.18 -0.97
N LEU A 36 3.21 -18.90 -1.32
CA LEU A 36 2.18 -17.91 -1.09
C LEU A 36 1.31 -17.65 -2.30
N ILE A 37 1.80 -17.92 -3.51
CA ILE A 37 1.06 -17.57 -4.72
C ILE A 37 1.04 -18.79 -5.64
N TRP A 38 2.19 -19.12 -6.22
CA TRP A 38 2.19 -19.94 -7.42
C TRP A 38 1.98 -21.43 -7.14
N GLY A 39 2.21 -21.88 -5.91
CA GLY A 39 1.85 -23.23 -5.54
C GLY A 39 0.64 -23.27 -4.65
N PHE A 40 0.02 -22.13 -4.42
CA PHE A 40 -1.13 -22.01 -3.54
C PHE A 40 -2.43 -21.77 -4.30
N ILE A 41 -2.38 -20.99 -5.38
CA ILE A 41 -3.56 -20.57 -6.11
C ILE A 41 -3.81 -21.53 -7.26
N GLY A 42 -5.00 -22.12 -7.29
CA GLY A 42 -5.40 -22.96 -8.39
C GLY A 42 -6.38 -22.25 -9.29
N PRO A 43 -6.78 -22.92 -10.37
CA PRO A 43 -7.73 -22.30 -11.33
C PRO A 43 -9.03 -21.82 -10.69
N SER A 44 -9.62 -22.62 -9.79
CA SER A 44 -10.70 -22.18 -8.90
C SER A 44 -10.51 -20.76 -8.41
N GLN A 45 -9.32 -20.47 -7.88
CA GLN A 45 -9.11 -19.20 -7.21
C GLN A 45 -8.75 -18.09 -8.20
N TRP A 46 -8.02 -18.41 -9.28
CA TRP A 46 -7.78 -17.40 -10.32
C TRP A 46 -9.11 -16.90 -10.88
N ASP A 47 -10.09 -17.81 -11.03
CA ASP A 47 -11.43 -17.42 -11.44
C ASP A 47 -11.95 -16.29 -10.56
N ILE A 48 -11.76 -16.40 -9.24
CA ILE A 48 -12.23 -15.38 -8.32
C ILE A 48 -11.45 -14.08 -8.51
N PHE A 49 -10.15 -14.16 -8.78
CA PHE A 49 -9.37 -12.96 -9.06
C PHE A 49 -10.02 -12.16 -10.17
N LEU A 50 -10.30 -12.81 -11.30
CA LEU A 50 -10.92 -12.13 -12.42
C LEU A 50 -12.31 -11.63 -12.07
N ALA A 51 -13.12 -12.48 -11.41
CA ALA A 51 -14.52 -12.14 -11.20
C ALA A 51 -14.68 -11.00 -10.21
N GLN A 52 -13.78 -10.88 -9.23
CA GLN A 52 -13.86 -9.77 -8.29
C GLN A 52 -13.72 -8.42 -8.97
N ILE A 53 -12.92 -8.33 -10.03
CA ILE A 53 -12.85 -7.07 -10.75
C ILE A 53 -13.98 -6.98 -11.76
N GLU A 54 -14.32 -8.09 -12.42
CA GLU A 54 -15.41 -8.09 -13.39
C GLU A 54 -16.72 -7.62 -12.76
N GLN A 55 -16.99 -8.00 -11.51
CA GLN A 55 -18.21 -7.56 -10.87
C GLN A 55 -18.18 -6.06 -10.59
N LEU A 56 -17.04 -5.53 -10.18
CA LEU A 56 -16.94 -4.10 -9.91
C LEU A 56 -17.22 -3.27 -11.14
N ILE A 57 -16.66 -3.66 -12.29
CA ILE A 57 -16.75 -2.83 -13.48
C ILE A 57 -17.90 -3.24 -14.39
N SER A 58 -18.62 -4.30 -14.05
CA SER A 58 -19.76 -4.77 -14.83
C SER A 58 -19.34 -5.09 -16.26
N GLN A 59 -18.32 -5.94 -16.37
CA GLN A 59 -17.86 -6.40 -17.68
C GLN A 59 -17.17 -7.74 -17.49
N ARG A 60 -17.67 -8.77 -18.15
CA ARG A 60 -17.07 -10.08 -18.11
C ARG A 60 -16.02 -10.19 -19.22
N ILE A 61 -14.86 -10.75 -18.89
CA ILE A 61 -13.84 -10.94 -19.90
C ILE A 61 -14.37 -11.85 -20.99
N GLU A 62 -14.13 -11.47 -22.25
CA GLU A 62 -14.48 -12.33 -23.38
C GLU A 62 -14.01 -13.76 -23.10
N GLU A 63 -14.87 -14.73 -23.40
CA GLU A 63 -14.69 -16.06 -22.83
C GLU A 63 -13.41 -16.75 -23.31
N PHE A 64 -13.03 -16.60 -24.58
CA PHE A 64 -11.81 -17.25 -25.03
C PHE A 64 -10.60 -16.67 -24.31
N ALA A 65 -10.52 -15.33 -24.27
CA ALA A 65 -9.43 -14.66 -23.57
C ALA A 65 -9.43 -15.03 -22.09
N ARG A 66 -10.61 -15.21 -21.50
CA ARG A 66 -10.71 -15.47 -20.07
C ARG A 66 -10.17 -16.85 -19.73
N ASN A 67 -10.57 -17.87 -20.49
CA ASN A 67 -10.02 -19.19 -20.20
CA ASN A 67 -10.05 -19.22 -20.28
C ASN A 67 -8.55 -19.28 -20.63
N GLN A 68 -8.14 -18.54 -21.65
CA GLN A 68 -6.73 -18.48 -21.98
C GLN A 68 -5.90 -17.94 -20.81
N ALA A 69 -6.38 -16.87 -20.16
CA ALA A 69 -5.65 -16.34 -19.02
C ALA A 69 -5.53 -17.36 -17.91
N ILE A 70 -6.63 -18.07 -17.61
CA ILE A 70 -6.61 -18.94 -16.45
C ILE A 70 -5.68 -20.11 -16.68
N SER A 71 -5.72 -20.70 -17.89
CA SER A 71 -4.85 -21.83 -18.13
C SER A 71 -3.40 -21.37 -18.29
N ARG A 72 -3.18 -20.17 -18.81
CA ARG A 72 -1.82 -19.64 -18.84
C ARG A 72 -1.26 -19.49 -17.43
N LEU A 73 -2.08 -19.02 -16.47
CA LEU A 73 -1.61 -18.90 -15.10
C LEU A 73 -1.31 -20.26 -14.49
N GLU A 74 -2.11 -21.27 -14.83
CA GLU A 74 -1.84 -22.63 -14.38
C GLU A 74 -0.54 -23.15 -15.00
N GLY A 75 -0.27 -22.79 -16.25
CA GLY A 75 1.02 -23.13 -16.86
C GLY A 75 2.19 -22.52 -16.11
N LEU A 76 2.10 -21.23 -15.77
CA LEU A 76 3.19 -20.60 -15.04
C LEU A 76 3.40 -21.28 -13.68
N SER A 77 2.33 -21.71 -13.02
CA SER A 77 2.48 -22.42 -11.75
C SER A 77 3.31 -23.69 -11.91
N ASN A 78 2.99 -24.49 -12.94
CA ASN A 78 3.73 -25.72 -13.14
C ASN A 78 5.20 -25.42 -13.45
N LEU A 79 5.46 -24.44 -14.31
CA LEU A 79 6.83 -24.06 -14.61
C LEU A 79 7.56 -23.58 -13.36
N TYR A 80 6.89 -22.78 -12.52
CA TYR A 80 7.59 -22.23 -11.38
C TYR A 80 7.89 -23.30 -10.35
N LYS A 81 7.00 -24.30 -10.22
CA LYS A 81 7.34 -25.46 -9.40
C LYS A 81 8.65 -26.10 -9.86
N CYS A 82 8.83 -26.24 -11.17
CA CYS A 82 10.07 -26.82 -11.69
C CYS A 82 11.27 -25.92 -11.39
N TYR A 83 11.10 -24.61 -11.57
CA TYR A 83 12.14 -23.63 -11.24
C TYR A 83 12.57 -23.75 -9.78
N VAL A 84 11.61 -23.75 -8.85
CA VAL A 84 11.94 -23.87 -7.45
C VAL A 84 12.66 -25.19 -7.18
N ARG A 85 12.20 -26.24 -7.85
CA ARG A 85 12.83 -27.55 -7.66
C ARG A 85 14.28 -27.53 -8.16
N ALA A 86 14.52 -26.94 -9.34
CA ALA A 86 15.88 -26.83 -9.86
C ALA A 86 16.76 -25.99 -8.97
N PHE A 87 16.20 -24.97 -8.30
CA PHE A 87 17.00 -24.16 -7.39
C PHE A 87 17.33 -24.88 -6.10
N SER A 88 16.36 -25.60 -5.51
CA SER A 88 16.67 -26.36 -4.31
C SER A 88 17.77 -27.37 -4.60
N ASP A 89 17.66 -28.08 -5.72
CA ASP A 89 18.69 -29.04 -6.12
C ASP A 89 20.04 -28.37 -6.30
N TRP A 90 20.10 -27.34 -7.14
CA TRP A 90 21.37 -26.66 -7.41
C TRP A 90 21.97 -26.05 -6.15
N GLU A 91 21.12 -25.64 -5.21
CA GLU A 91 21.62 -24.99 -4.01
C GLU A 91 22.47 -25.95 -3.17
N LYS A 92 22.16 -27.24 -3.21
CA LYS A 92 22.82 -28.23 -2.36
C LYS A 92 24.18 -28.64 -2.91
N ASP A 93 24.41 -28.45 -4.20
CA ASP A 93 25.63 -28.90 -4.87
C ASP A 93 25.93 -27.90 -5.98
N PRO A 94 26.25 -26.65 -5.62
CA PRO A 94 26.20 -25.57 -6.61
C PRO A 94 27.24 -25.68 -7.72
N THR A 95 28.31 -26.44 -7.52
CA THR A 95 29.34 -26.48 -8.57
C THR A 95 29.03 -27.50 -9.63
N ASN A 96 28.30 -28.57 -9.27
CA ASN A 96 27.82 -29.62 -10.18
C ASN A 96 27.39 -29.04 -11.52
N PRO A 97 28.10 -29.34 -12.61
CA PRO A 97 27.73 -28.75 -13.91
C PRO A 97 26.37 -29.18 -14.41
N ALA A 98 25.88 -30.34 -13.98
CA ALA A 98 24.58 -30.81 -14.45
C ALA A 98 23.45 -30.04 -13.78
N LEU A 99 23.56 -29.84 -12.47
CA LEU A 99 22.58 -29.01 -11.76
C LEU A 99 22.57 -27.59 -12.30
N ARG A 100 23.74 -27.03 -12.60
CA ARG A 100 23.81 -25.72 -13.21
C ARG A 100 23.06 -25.70 -14.54
N GLU A 101 23.13 -26.79 -15.31
CA GLU A 101 22.42 -26.81 -16.58
C GLU A 101 20.91 -26.89 -16.37
N CYS A 102 20.47 -27.66 -15.37
CA CYS A 102 19.04 -27.73 -15.05
C CYS A 102 18.49 -26.35 -14.76
N MET A 103 19.19 -25.58 -13.90
CA MET A 103 18.70 -24.24 -13.57
C MET A 103 18.70 -23.32 -14.78
N ARG A 104 19.75 -23.35 -15.58
CA ARG A 104 19.75 -22.51 -16.77
C ARG A 104 18.58 -22.87 -17.68
N ILE A 105 18.23 -24.16 -17.73
CA ILE A 105 17.09 -24.56 -18.54
C ILE A 105 15.80 -24.03 -17.92
N GLN A 106 15.60 -24.29 -16.62
CA GLN A 106 14.39 -23.83 -15.95
C GLN A 106 14.23 -22.32 -16.06
N PHE A 107 15.29 -21.57 -15.77
CA PHE A 107 15.18 -20.13 -15.90
C PHE A 107 14.77 -19.73 -17.31
N ASN A 108 15.42 -20.30 -18.32
CA ASN A 108 15.07 -19.97 -19.70
C ASN A 108 13.60 -20.27 -19.97
N ASP A 109 13.11 -21.42 -19.49
CA ASP A 109 11.71 -21.77 -19.65
C ASP A 109 10.80 -20.78 -18.92
N MET A 110 11.09 -20.53 -17.63
CA MET A 110 10.27 -19.59 -16.87
C MET A 110 10.23 -18.24 -17.57
N ASN A 111 11.39 -17.71 -17.96
CA ASN A 111 11.43 -16.37 -18.56
C ASN A 111 10.65 -16.31 -19.86
N SER A 112 10.77 -17.33 -20.73
CA SER A 112 10.05 -17.31 -22.00
C SER A 112 8.55 -17.39 -21.78
N ALA A 113 8.12 -18.32 -20.92
CA ALA A 113 6.70 -18.44 -20.61
C ALA A 113 6.14 -17.12 -20.09
N LEU A 114 6.89 -16.43 -19.22
CA LEU A 114 6.44 -15.14 -18.71
C LEU A 114 6.40 -14.10 -19.82
N ILE A 115 7.42 -14.08 -20.69
CA ILE A 115 7.44 -13.10 -21.77
C ILE A 115 6.22 -13.23 -22.67
N THR A 116 5.77 -14.48 -22.93
CA THR A 116 4.59 -14.68 -23.77
C THR A 116 3.27 -14.58 -23.01
N ALA A 117 3.26 -14.92 -21.71
CA ALA A 117 2.01 -14.89 -20.95
C ALA A 117 1.56 -13.46 -20.64
N ILE A 118 2.51 -12.58 -20.35
CA ILE A 118 2.16 -11.24 -19.86
C ILE A 118 1.20 -10.51 -20.80
N PRO A 119 1.41 -10.48 -22.13
CA PRO A 119 0.42 -9.78 -22.98
C PRO A 119 -0.97 -10.36 -22.90
N LEU A 120 -1.10 -11.65 -22.58
CA LEU A 120 -2.40 -12.27 -22.41
C LEU A 120 -3.07 -11.86 -21.11
N PHE A 121 -2.38 -11.10 -20.26
CA PHE A 121 -2.98 -10.54 -19.06
C PHE A 121 -3.26 -9.06 -19.21
N ARG A 122 -3.19 -8.54 -20.43
CA ARG A 122 -3.61 -7.18 -20.73
C ARG A 122 -4.22 -7.16 -22.13
N VAL A 123 -5.10 -8.13 -22.40
CA VAL A 123 -5.78 -8.22 -23.68
C VAL A 123 -6.63 -6.99 -23.91
N GLN A 124 -6.55 -6.45 -25.12
CA GLN A 124 -7.27 -5.22 -25.48
C GLN A 124 -8.71 -5.25 -24.99
N ASN A 125 -9.11 -4.17 -24.31
CA ASN A 125 -10.45 -3.88 -23.77
C ASN A 125 -10.74 -4.62 -22.46
N TYR A 126 -9.82 -5.49 -21.99
CA TYR A 126 -10.01 -6.25 -20.77
C TYR A 126 -8.84 -6.05 -19.80
N GLU A 127 -8.11 -4.93 -19.95
CA GLU A 127 -6.90 -4.72 -19.17
C GLU A 127 -7.23 -4.56 -17.70
N VAL A 128 -8.32 -3.84 -17.40
CA VAL A 128 -8.71 -3.64 -16.01
C VAL A 128 -9.10 -4.96 -15.36
N ALA A 129 -9.98 -5.73 -16.00
CA ALA A 129 -10.45 -6.98 -15.42
C ALA A 129 -9.30 -7.96 -15.20
N LEU A 130 -8.23 -7.85 -15.97
CA LEU A 130 -7.08 -8.74 -15.86
C LEU A 130 -6.01 -8.23 -14.90
N LEU A 131 -6.18 -7.03 -14.33
CA LEU A 131 -5.04 -6.34 -13.75
C LEU A 131 -4.47 -7.07 -12.54
N SER A 132 -5.30 -7.73 -11.74
CA SER A 132 -4.72 -8.38 -10.56
C SER A 132 -4.03 -9.70 -10.90
N VAL A 133 -4.37 -10.34 -12.03
CA VAL A 133 -3.50 -11.45 -12.41
C VAL A 133 -2.27 -10.93 -13.16
N TYR A 134 -2.39 -9.83 -13.88
CA TYR A 134 -1.22 -9.23 -14.50
C TYR A 134 -0.15 -8.92 -13.45
N VAL A 135 -0.55 -8.26 -12.35
CA VAL A 135 0.43 -7.84 -11.36
C VAL A 135 1.16 -9.04 -10.77
N GLN A 136 0.48 -10.18 -10.63
CA GLN A 136 1.15 -11.35 -10.07
C GLN A 136 2.20 -11.89 -11.03
N ALA A 137 1.88 -11.92 -12.33
CA ALA A 137 2.85 -12.39 -13.30
C ALA A 137 4.01 -11.42 -13.43
N ALA A 138 3.72 -10.12 -13.49
CA ALA A 138 4.78 -9.12 -13.52
C ALA A 138 5.71 -9.28 -12.32
N ASN A 139 5.13 -9.44 -11.13
CA ASN A 139 5.93 -9.64 -9.93
C ASN A 139 6.83 -10.87 -10.07
N LEU A 140 6.26 -12.00 -10.50
CA LEU A 140 7.06 -13.20 -10.65
C LEU A 140 8.18 -12.98 -11.65
N HIS A 141 7.89 -12.26 -12.73
CA HIS A 141 8.90 -12.00 -13.74
C HIS A 141 10.06 -11.19 -13.18
N LEU A 142 9.76 -10.07 -12.51
CA LEU A 142 10.81 -9.27 -11.89
C LEU A 142 11.60 -10.10 -10.89
N SER A 143 10.95 -11.05 -10.22
CA SER A 143 11.65 -11.84 -9.21
C SER A 143 12.67 -12.79 -9.83
N ILE A 144 12.32 -13.45 -10.94
CA ILE A 144 13.29 -14.36 -11.55
C ILE A 144 14.39 -13.59 -12.28
N LEU A 145 14.07 -12.41 -12.83
CA LEU A 145 15.12 -11.55 -13.40
C LEU A 145 16.08 -11.07 -12.32
N ARG A 146 15.61 -10.83 -11.11
CA ARG A 146 16.55 -10.56 -10.04
C ARG A 146 17.35 -11.81 -9.71
N ASP A 147 16.68 -12.97 -9.72
CA ASP A 147 17.34 -14.24 -9.41
C ASP A 147 18.55 -14.44 -10.31
N VAL A 148 18.36 -14.24 -11.62
CA VAL A 148 19.49 -14.44 -12.52
C VAL A 148 20.53 -13.35 -12.32
N SER A 149 20.10 -12.13 -11.97
CA SER A 149 21.09 -11.08 -11.74
CA SER A 149 21.06 -11.06 -11.71
C SER A 149 21.98 -11.39 -10.55
N VAL A 150 21.47 -12.12 -9.56
CA VAL A 150 22.24 -12.44 -8.37
C VAL A 150 23.00 -13.76 -8.53
N PHE A 151 22.37 -14.77 -9.12
CA PHE A 151 22.95 -16.11 -9.17
C PHE A 151 23.38 -16.55 -10.55
N GLY A 152 23.09 -15.76 -11.59
CA GLY A 152 23.29 -16.24 -12.96
C GLY A 152 24.70 -16.70 -13.25
N GLU A 153 25.69 -15.99 -12.69
CA GLU A 153 27.08 -16.38 -12.91
C GLU A 153 27.36 -17.74 -12.30
N ARG A 154 26.98 -17.93 -11.04
CA ARG A 154 27.07 -19.24 -10.41
C ARG A 154 26.23 -20.31 -11.11
N TRP A 155 25.19 -19.93 -11.86
CA TRP A 155 24.46 -20.90 -12.67
C TRP A 155 25.22 -21.22 -13.94
N GLY A 156 26.20 -20.41 -14.30
CA GLY A 156 26.98 -20.65 -15.49
C GLY A 156 26.66 -19.78 -16.68
N TYR A 157 25.88 -18.72 -16.51
CA TYR A 157 25.64 -17.81 -17.61
C TYR A 157 26.86 -16.91 -17.81
N ASP A 158 27.09 -16.53 -19.06
CA ASP A 158 28.18 -15.64 -19.39
C ASP A 158 27.85 -14.20 -18.99
N THR A 159 28.86 -13.33 -19.07
CA THR A 159 28.68 -11.95 -18.63
C THR A 159 27.65 -11.20 -19.46
N ALA A 160 27.62 -11.46 -20.77
CA ALA A 160 26.74 -10.68 -21.63
C ALA A 160 25.27 -10.97 -21.34
N THR A 161 24.91 -12.24 -21.16
CA THR A 161 23.50 -12.53 -20.95
C THR A 161 23.05 -12.10 -19.55
N ILE A 162 23.95 -12.15 -18.56
CA ILE A 162 23.60 -11.63 -17.24
C ILE A 162 23.34 -10.14 -17.31
N ASN A 163 24.23 -9.39 -17.97
CA ASN A 163 23.99 -7.97 -18.19
C ASN A 163 22.70 -7.74 -18.96
N ASN A 164 22.39 -8.61 -19.91
CA ASN A 164 21.18 -8.42 -20.69
C ASN A 164 19.93 -8.56 -19.84
N ARG A 165 19.94 -9.53 -18.91
CA ARG A 165 18.79 -9.75 -18.04
C ARG A 165 18.66 -8.63 -17.01
N TYR A 166 19.76 -8.07 -16.55
CA TYR A 166 19.66 -6.94 -15.64
C TYR A 166 19.11 -5.70 -16.34
N SER A 167 19.51 -5.49 -17.60
CA SER A 167 18.89 -4.43 -18.39
C SER A 167 17.40 -4.70 -18.58
N ASP A 168 17.00 -5.97 -18.65
CA ASP A 168 15.59 -6.30 -18.77
C ASP A 168 14.85 -6.00 -17.46
N LEU A 169 15.41 -6.42 -16.33
CA LEU A 169 14.82 -6.12 -15.02
C LEU A 169 14.60 -4.62 -14.87
N THR A 170 15.60 -3.83 -15.26
CA THR A 170 15.57 -2.38 -15.07
C THR A 170 14.49 -1.72 -15.93
N SER A 171 14.34 -2.17 -17.17
CA SER A 171 13.32 -1.59 -18.02
C SER A 171 11.92 -2.04 -17.56
N LEU A 172 11.77 -3.31 -17.19
CA LEU A 172 10.45 -3.87 -16.93
C LEU A 172 9.90 -3.40 -15.59
N ILE A 173 10.75 -3.03 -14.63
CA ILE A 173 10.23 -2.37 -13.45
C ILE A 173 9.36 -1.20 -13.86
N HIS A 174 9.87 -0.37 -14.79
CA HIS A 174 9.09 0.78 -15.23
C HIS A 174 7.89 0.38 -16.08
N VAL A 175 8.05 -0.64 -16.94
CA VAL A 175 6.97 -0.99 -17.84
C VAL A 175 5.81 -1.57 -17.06
N TYR A 176 6.12 -2.47 -16.15
CA TYR A 176 5.08 -3.10 -15.34
C TYR A 176 4.42 -2.10 -14.39
N THR A 177 5.24 -1.25 -13.76
CA THR A 177 4.70 -0.19 -12.90
C THR A 177 3.71 0.68 -13.69
N ASN A 178 4.16 1.24 -14.81
CA ASN A 178 3.31 2.15 -15.58
C ASN A 178 2.04 1.46 -16.06
N HIS A 179 2.11 0.18 -16.43
CA HIS A 179 0.90 -0.49 -16.88
C HIS A 179 -0.11 -0.63 -15.75
N CYS A 180 0.35 -1.00 -14.55
CA CYS A 180 -0.57 -1.20 -13.43
C CYS A 180 -1.22 0.11 -13.04
N VAL A 181 -0.42 1.17 -12.92
CA VAL A 181 -0.97 2.46 -12.51
C VAL A 181 -1.88 3.02 -13.59
N ASP A 182 -1.44 2.99 -14.84
CA ASP A 182 -2.28 3.49 -15.93
C ASP A 182 -3.59 2.72 -16.00
N THR A 183 -3.52 1.39 -15.91
CA THR A 183 -4.76 0.62 -15.99
C THR A 183 -5.66 0.92 -14.80
N TYR A 184 -5.08 1.00 -13.60
CA TYR A 184 -5.85 1.35 -12.42
C TYR A 184 -6.56 2.68 -12.59
N ASN A 185 -5.84 3.72 -13.04
CA ASN A 185 -6.44 5.05 -13.20
C ASN A 185 -7.60 5.02 -14.19
N GLN A 186 -7.43 4.28 -15.28
CA GLN A 186 -8.50 4.21 -16.28
C GLN A 186 -9.72 3.49 -15.72
N GLY A 187 -9.50 2.42 -14.92
CA GLY A 187 -10.61 1.76 -14.28
C GLY A 187 -11.35 2.68 -13.31
N LEU A 188 -10.61 3.46 -12.53
CA LEU A 188 -11.24 4.44 -11.65
C LEU A 188 -12.06 5.45 -12.44
N ARG A 189 -11.47 6.06 -13.48
CA ARG A 189 -12.19 7.03 -14.30
C ARG A 189 -13.51 6.48 -14.81
N ARG A 190 -13.50 5.24 -15.32
CA ARG A 190 -14.73 4.64 -15.83
C ARG A 190 -15.81 4.51 -14.77
N LEU A 191 -15.44 4.47 -13.50
CA LEU A 191 -16.42 4.35 -12.43
C LEU A 191 -16.85 5.69 -11.86
N GLU A 192 -16.29 6.81 -12.33
CA GLU A 192 -16.83 8.10 -11.93
C GLU A 192 -18.26 8.24 -12.44
N GLY A 193 -19.14 8.79 -11.60
CA GLY A 193 -20.52 9.00 -11.96
C GLY A 193 -21.04 10.19 -11.17
N ARG A 194 -22.32 10.49 -11.35
CA ARG A 194 -22.87 11.68 -10.70
C ARG A 194 -23.35 11.46 -9.28
N PHE A 195 -23.66 10.22 -8.89
CA PHE A 195 -24.49 9.95 -7.72
C PHE A 195 -23.76 9.08 -6.70
N LEU A 196 -24.35 9.02 -5.51
CA LEU A 196 -23.75 8.30 -4.39
C LEU A 196 -23.64 6.81 -4.68
N SER A 197 -24.66 6.24 -5.36
CA SER A 197 -24.58 4.85 -5.78
C SER A 197 -23.32 4.59 -6.60
N ASP A 198 -22.96 5.53 -7.46
CA ASP A 198 -21.76 5.35 -8.28
C ASP A 198 -20.53 5.45 -7.41
N TRP A 199 -20.54 6.37 -6.45
CA TRP A 199 -19.42 6.55 -5.53
C TRP A 199 -19.13 5.28 -4.75
N ILE A 200 -20.18 4.56 -4.34
CA ILE A 200 -19.96 3.35 -3.53
C ILE A 200 -19.08 2.35 -4.28
N VAL A 201 -19.40 2.10 -5.55
CA VAL A 201 -18.63 1.18 -6.37
C VAL A 201 -17.21 1.70 -6.57
N TYR A 202 -17.10 2.97 -6.96
CA TYR A 202 -15.82 3.63 -7.14
C TYR A 202 -14.94 3.48 -5.91
N ASN A 203 -15.53 3.72 -4.74
CA ASN A 203 -14.76 3.66 -3.51
C ASN A 203 -14.34 2.23 -3.20
N ARG A 204 -15.18 1.24 -3.53
CA ARG A 204 -14.80 -0.15 -3.33
C ARG A 204 -13.67 -0.54 -4.29
N PHE A 205 -13.77 -0.14 -5.56
CA PHE A 205 -12.72 -0.42 -6.53
C PHE A 205 -11.37 0.09 -6.02
N ARG A 206 -11.31 1.36 -5.63
CA ARG A 206 -10.08 1.95 -5.13
C ARG A 206 -9.48 1.14 -3.97
N ARG A 207 -10.31 0.74 -3.01
CA ARG A 207 -9.79 -0.08 -1.92
C ARG A 207 -9.28 -1.42 -2.45
N GLN A 208 -10.10 -2.14 -3.19
CA GLN A 208 -9.74 -3.52 -3.53
C GLN A 208 -8.51 -3.57 -4.45
N LEU A 209 -8.36 -2.60 -5.35
CA LEU A 209 -7.19 -2.61 -6.23
C LEU A 209 -5.97 -1.92 -5.62
N THR A 210 -6.15 -1.03 -4.66
CA THR A 210 -4.99 -0.60 -3.89
C THR A 210 -4.33 -1.81 -3.24
N ILE A 211 -5.14 -2.74 -2.73
CA ILE A 211 -4.58 -3.86 -2.00
C ILE A 211 -4.09 -4.95 -2.96
N SER A 212 -4.84 -5.27 -4.01
CA SER A 212 -4.48 -6.39 -4.85
C SER A 212 -3.51 -6.02 -5.98
N VAL A 213 -3.26 -4.73 -6.22
CA VAL A 213 -2.36 -4.35 -7.31
C VAL A 213 -1.35 -3.28 -6.87
N LEU A 214 -1.83 -2.11 -6.45
CA LEU A 214 -0.90 -1.00 -6.21
C LEU A 214 0.05 -1.31 -5.05
N ASP A 215 -0.42 -2.01 -4.03
CA ASP A 215 0.45 -2.31 -2.89
C ASP A 215 1.62 -3.20 -3.30
N ILE A 216 1.42 -4.08 -4.28
CA ILE A 216 2.50 -4.93 -4.75
C ILE A 216 3.45 -4.15 -5.66
N VAL A 217 2.90 -3.32 -6.53
CA VAL A 217 3.71 -2.48 -7.41
C VAL A 217 4.70 -1.63 -6.62
N ALA A 218 4.33 -1.23 -5.41
CA ALA A 218 5.19 -0.35 -4.63
C ALA A 218 6.53 -1.00 -4.28
N PHE A 219 6.61 -2.34 -4.31
CA PHE A 219 7.84 -3.06 -3.98
C PHE A 219 8.71 -3.32 -5.20
N PHE A 220 8.18 -3.11 -6.41
CA PHE A 220 8.91 -3.41 -7.63
C PHE A 220 10.32 -2.82 -7.67
N PRO A 221 10.56 -1.56 -7.28
CA PRO A 221 11.93 -1.04 -7.31
C PRO A 221 12.92 -1.82 -6.44
N ASN A 222 12.45 -2.57 -5.44
CA ASN A 222 13.35 -3.31 -4.57
C ASN A 222 14.05 -4.48 -5.29
N TYR A 223 13.55 -4.91 -6.45
CA TYR A 223 14.18 -6.03 -7.13
C TYR A 223 15.51 -5.65 -7.79
N ASP A 224 15.87 -4.36 -7.81
CA ASP A 224 17.11 -3.87 -8.40
C ASP A 224 18.26 -4.03 -7.41
N ILE A 225 19.03 -5.12 -7.58
CA ILE A 225 20.09 -5.45 -6.64
C ILE A 225 21.23 -4.42 -6.66
N ARG A 226 21.42 -3.70 -7.76
CA ARG A 226 22.42 -2.63 -7.75
C ARG A 226 21.96 -1.48 -6.89
N THR A 227 20.67 -1.19 -6.93
CA THR A 227 20.14 -0.11 -6.12
C THR A 227 19.93 -0.53 -4.67
N TYR A 228 19.59 -1.80 -4.44
CA TYR A 228 19.33 -2.31 -3.09
C TYR A 228 20.16 -3.56 -2.87
N PRO A 229 21.45 -3.38 -2.55
CA PRO A 229 22.36 -4.53 -2.49
C PRO A 229 22.17 -5.40 -1.27
N ILE A 230 21.56 -4.86 -0.22
CA ILE A 230 21.14 -5.67 0.92
C ILE A 230 19.63 -5.55 1.13
N GLN A 231 19.12 -6.16 2.18
CA GLN A 231 17.67 -6.20 2.38
C GLN A 231 17.10 -4.81 2.63
N THR A 232 15.94 -4.55 2.02
CA THR A 232 15.20 -3.32 2.19
C THR A 232 13.71 -3.64 2.29
N ALA A 233 12.96 -2.72 2.89
CA ALA A 233 11.53 -2.86 3.09
C ALA A 233 10.84 -1.57 2.71
N THR A 234 9.81 -1.67 1.90
CA THR A 234 8.99 -0.52 1.53
C THR A 234 7.86 -0.34 2.53
N GLN A 235 7.61 0.90 2.94
CA GLN A 235 6.49 1.22 3.81
C GLN A 235 5.32 1.69 2.96
N LEU A 236 4.17 1.01 3.11
CA LEU A 236 2.93 1.45 2.48
C LEU A 236 2.26 2.45 3.42
N THR A 237 2.21 3.72 3.03
CA THR A 237 1.69 4.75 3.92
C THR A 237 0.29 5.22 3.55
N ARG A 238 -0.23 4.81 2.39
CA ARG A 238 -1.57 5.21 1.96
C ARG A 238 -2.62 4.82 3.00
N GLU A 239 -3.64 5.67 3.12
CA GLU A 239 -4.87 5.34 3.85
C GLU A 239 -5.82 4.54 2.96
N VAL A 240 -6.41 3.47 3.50
CA VAL A 240 -7.47 2.76 2.80
C VAL A 240 -8.76 2.92 3.60
N TYR A 241 -9.88 3.01 2.87
CA TYR A 241 -11.18 3.34 3.43
C TYR A 241 -12.14 2.17 3.27
N LEU A 242 -12.95 1.92 4.30
CA LEU A 242 -14.04 0.93 4.21
C LEU A 242 -15.27 1.52 3.54
N ASP A 243 -16.46 0.99 3.81
CA ASP A 243 -17.65 1.44 3.11
C ASP A 243 -18.52 2.30 4.02
N LEU A 244 -19.39 3.11 3.38
CA LEU A 244 -20.48 3.77 4.06
C LEU A 244 -21.42 2.73 4.67
N PRO A 245 -22.09 3.05 5.79
CA PRO A 245 -22.91 2.05 6.50
C PRO A 245 -24.29 1.89 5.87
N PHE A 246 -24.31 1.45 4.62
CA PHE A 246 -25.52 1.05 3.91
C PHE A 246 -25.55 -0.46 3.79
N ILE A 247 -26.74 -1.05 3.90
CA ILE A 247 -26.90 -2.46 3.60
C ILE A 247 -27.25 -2.57 2.12
N ASN A 248 -28.36 -1.94 1.72
CA ASN A 248 -28.73 -1.87 0.31
C ASN A 248 -28.01 -0.68 -0.31
N GLU A 249 -27.19 -0.96 -1.33
CA GLU A 249 -26.38 0.08 -1.93
C GLU A 249 -26.94 0.60 -3.25
N ASN A 250 -28.16 0.20 -3.60
CA ASN A 250 -28.85 0.78 -4.75
C ASN A 250 -29.68 1.95 -4.24
N LEU A 251 -29.04 3.11 -4.17
CA LEU A 251 -29.61 4.27 -3.49
C LEU A 251 -30.53 5.00 -4.45
N SER A 252 -31.84 4.82 -4.29
CA SER A 252 -32.84 5.29 -5.23
C SER A 252 -33.89 6.13 -4.52
N PRO A 253 -34.43 7.17 -5.18
CA PRO A 253 -33.98 7.75 -6.45
C PRO A 253 -32.69 8.56 -6.28
N ALA A 254 -31.90 8.66 -7.35
CA ALA A 254 -30.59 9.32 -7.26
C ALA A 254 -30.70 10.76 -6.81
N ALA A 255 -31.81 11.44 -7.12
CA ALA A 255 -31.91 12.86 -6.83
C ALA A 255 -32.00 13.15 -5.33
N VAL A 256 -32.44 12.18 -4.52
CA VAL A 256 -32.63 12.46 -3.10
C VAL A 256 -31.39 12.12 -2.27
N TYR A 257 -30.30 11.71 -2.92
CA TYR A 257 -29.11 11.27 -2.23
C TYR A 257 -27.94 12.18 -2.61
N PRO A 258 -26.92 12.29 -1.76
CA PRO A 258 -25.80 13.19 -2.07
C PRO A 258 -25.14 12.84 -3.41
N THR A 259 -24.44 13.84 -3.97
CA THR A 259 -23.68 13.63 -5.19
C THR A 259 -22.41 12.84 -4.92
N PHE A 260 -21.81 12.36 -6.01
CA PHE A 260 -20.48 11.74 -5.97
C PHE A 260 -19.44 12.67 -5.33
N SER A 261 -19.30 13.88 -5.86
CA SER A 261 -18.32 14.83 -5.31
C SER A 261 -18.56 15.08 -3.84
N ALA A 262 -19.83 15.16 -3.44
CA ALA A 262 -20.11 15.39 -2.02
C ALA A 262 -19.51 14.29 -1.16
N ALA A 263 -19.71 13.04 -1.57
CA ALA A 263 -19.21 11.90 -0.80
C ALA A 263 -17.68 11.86 -0.79
N GLU A 264 -17.09 11.94 -1.99
CA GLU A 264 -15.63 11.95 -2.10
C GLU A 264 -15.03 13.05 -1.24
N SER A 265 -15.64 14.24 -1.27
CA SER A 265 -15.08 15.36 -0.54
C SER A 265 -15.27 15.21 0.96
N ALA A 266 -16.39 14.62 1.38
CA ALA A 266 -16.62 14.39 2.80
C ALA A 266 -15.85 13.20 3.36
N ILE A 267 -15.63 12.13 2.58
CA ILE A 267 -15.10 10.87 3.12
C ILE A 267 -13.58 10.79 3.02
N ILE A 268 -13.00 11.20 1.89
CA ILE A 268 -11.58 10.99 1.63
C ILE A 268 -10.79 12.20 2.13
N ARG A 269 -9.97 11.98 3.16
CA ARG A 269 -9.13 13.07 3.66
C ARG A 269 -8.19 13.54 2.56
N SER A 270 -8.02 14.85 2.44
CA SER A 270 -7.08 15.32 1.45
C SER A 270 -5.66 15.07 1.96
N PRO A 271 -4.66 15.12 1.08
CA PRO A 271 -3.34 14.59 1.45
C PRO A 271 -2.77 15.26 2.71
N HIS A 272 -2.09 14.46 3.52
CA HIS A 272 -1.62 14.91 4.83
C HIS A 272 -0.47 14.00 5.25
N LEU A 273 0.21 14.40 6.31
CA LEU A 273 1.24 13.55 6.89
C LEU A 273 0.57 12.36 7.57
N VAL A 274 1.26 11.22 7.55
CA VAL A 274 0.72 10.02 8.20
C VAL A 274 0.39 10.33 9.66
N ASP A 275 -0.80 9.91 10.09
CA ASP A 275 -1.14 9.98 11.49
C ASP A 275 -1.75 8.67 11.97
N PHE A 276 -1.92 8.61 13.29
CA PHE A 276 -2.26 7.42 14.04
C PHE A 276 -3.33 7.78 15.07
N LEU A 277 -4.27 6.85 15.28
CA LEU A 277 -5.40 7.10 16.17
C LEU A 277 -4.93 7.16 17.62
N ASN A 278 -5.26 8.27 18.29
CA ASN A 278 -5.15 8.36 19.74
C ASN A 278 -6.49 8.11 20.44
N SER A 279 -7.56 8.72 19.96
CA SER A 279 -8.87 8.45 20.52
C SER A 279 -9.95 8.93 19.56
N PHE A 280 -11.11 8.28 19.66
CA PHE A 280 -12.36 8.86 19.19
C PHE A 280 -13.15 9.39 20.38
N THR A 281 -13.89 10.45 20.17
CA THR A 281 -14.98 10.85 21.05
C THR A 281 -16.25 10.77 20.22
N ILE A 282 -17.13 9.82 20.55
CA ILE A 282 -18.31 9.52 19.74
C ILE A 282 -19.55 10.13 20.39
N TYR A 283 -20.33 10.88 19.60
CA TYR A 283 -21.55 11.51 20.07
C TYR A 283 -22.76 10.76 19.52
N THR A 284 -23.62 10.29 20.43
CA THR A 284 -24.83 9.61 20.05
C THR A 284 -25.95 10.62 19.84
N ASP A 285 -26.60 10.54 18.70
CA ASP A 285 -27.79 11.31 18.37
C ASP A 285 -28.96 10.34 18.22
N SER A 286 -30.12 10.86 17.83
CA SER A 286 -31.29 10.01 17.66
C SER A 286 -32.36 10.73 16.86
N LEU A 287 -33.18 9.93 16.20
CA LEU A 287 -34.33 10.44 15.45
C LEU A 287 -35.52 9.60 15.90
N ALA A 288 -36.49 10.25 16.54
CA ALA A 288 -37.50 9.54 17.33
C ALA A 288 -36.77 8.59 18.28
N ARG A 289 -36.97 7.28 18.15
CA ARG A 289 -36.31 6.33 19.04
C ARG A 289 -35.16 5.57 18.38
N SER A 290 -34.65 6.01 17.23
CA SER A 290 -33.48 5.38 16.62
C SER A 290 -32.21 6.12 17.04
N ALA A 291 -31.38 5.48 17.86
CA ALA A 291 -30.10 6.04 18.28
C ALA A 291 -29.01 5.64 17.29
N TYR A 292 -28.07 6.56 17.04
CA TYR A 292 -26.98 6.31 16.11
C TYR A 292 -25.77 7.17 16.44
N TRP A 293 -24.61 6.75 15.94
CA TRP A 293 -23.39 7.55 15.88
C TRP A 293 -23.65 8.78 15.01
N GLY A 294 -23.75 9.96 15.62
CA GLY A 294 -24.17 11.14 14.90
C GLY A 294 -23.09 12.17 14.71
N GLY A 295 -21.93 11.94 15.31
CA GLY A 295 -20.81 12.84 15.15
C GLY A 295 -19.69 12.35 16.04
N HIS A 296 -18.53 12.97 15.88
CA HIS A 296 -17.36 12.51 16.63
C HIS A 296 -16.20 13.48 16.42
N LEU A 297 -15.24 13.41 17.34
CA LEU A 297 -13.91 14.00 17.22
C LEU A 297 -12.87 12.91 17.09
N VAL A 298 -11.77 13.21 16.39
CA VAL A 298 -10.62 12.32 16.30
C VAL A 298 -9.40 13.03 16.86
N ASN A 299 -8.64 12.32 17.68
CA ASN A 299 -7.36 12.79 18.21
C ASN A 299 -6.26 11.90 17.67
N SER A 300 -5.29 12.50 16.97
CA SER A 300 -4.27 11.73 16.27
C SER A 300 -2.89 12.23 16.65
N PHE A 301 -1.91 11.32 16.53
CA PHE A 301 -0.50 11.68 16.63
C PHE A 301 0.22 11.29 15.34
N ARG A 302 1.39 11.90 15.13
CA ARG A 302 2.19 11.62 13.95
C ARG A 302 3.37 10.73 14.33
N THR A 303 4.04 10.19 13.31
CA THR A 303 5.13 9.24 13.52
C THR A 303 6.16 9.79 14.48
N GLY A 304 6.53 8.96 15.46
CA GLY A 304 7.58 9.26 16.41
C GLY A 304 7.23 10.24 17.52
N THR A 305 6.09 10.95 17.45
CA THR A 305 5.79 12.04 18.38
C THR A 305 4.40 11.84 18.98
N THR A 306 4.30 10.93 19.95
CA THR A 306 3.00 10.63 20.57
C THR A 306 2.43 11.78 21.41
N THR A 307 3.25 12.72 21.85
CA THR A 307 2.79 13.72 22.80
C THR A 307 2.16 14.95 22.16
N ASN A 308 2.24 15.11 20.86
CA ASN A 308 1.61 16.26 20.21
C ASN A 308 0.38 15.75 19.49
N LEU A 309 -0.78 15.91 20.10
CA LEU A 309 -2.00 15.41 19.50
C LEU A 309 -2.65 16.44 18.62
N ILE A 310 -3.16 15.99 17.49
CA ILE A 310 -3.91 16.85 16.57
C ILE A 310 -5.38 16.48 16.71
N ARG A 311 -6.19 17.46 17.09
CA ARG A 311 -7.62 17.23 17.19
C ARG A 311 -8.32 17.63 15.90
N SER A 312 -9.16 16.75 15.38
CA SER A 312 -9.89 17.04 14.16
C SER A 312 -10.94 18.12 14.42
N PRO A 313 -11.43 18.78 13.36
CA PRO A 313 -12.70 19.46 13.50
C PRO A 313 -13.78 18.43 13.79
N LEU A 314 -14.91 18.91 14.28
CA LEU A 314 -16.02 18.03 14.59
C LEU A 314 -16.63 17.45 13.32
N TYR A 315 -16.79 16.12 13.29
CA TYR A 315 -17.57 15.47 12.23
C TYR A 315 -19.00 15.32 12.72
N GLY A 316 -19.97 15.56 11.82
CA GLY A 316 -21.38 15.43 12.19
C GLY A 316 -21.81 16.41 13.28
N ARG A 317 -22.84 16.02 14.02
CA ARG A 317 -23.38 16.82 15.12
C ARG A 317 -22.94 16.26 16.45
N GLU A 318 -22.95 17.10 17.48
CA GLU A 318 -22.62 16.66 18.84
C GLU A 318 -23.92 16.39 19.61
N GLY A 319 -24.50 15.22 19.33
CA GLY A 319 -25.72 14.83 20.01
C GLY A 319 -25.50 14.45 21.47
N ASN A 320 -26.62 14.42 22.21
CA ASN A 320 -26.61 14.15 23.64
C ASN A 320 -27.55 13.01 24.01
N THR A 321 -28.03 12.23 23.03
CA THR A 321 -28.94 11.14 23.36
C THR A 321 -28.33 10.18 24.37
N GLU A 322 -27.01 10.01 24.36
CA GLU A 322 -26.32 9.25 25.39
C GLU A 322 -25.00 9.95 25.66
N ARG A 323 -24.36 9.61 26.79
CA ARG A 323 -23.12 10.28 27.14
C ARG A 323 -22.08 10.02 26.04
N PRO A 324 -21.23 11.01 25.73
CA PRO A 324 -20.11 10.76 24.81
C PRO A 324 -19.33 9.52 25.20
N VAL A 325 -18.82 8.80 24.20
CA VAL A 325 -18.04 7.59 24.42
C VAL A 325 -16.63 7.80 23.89
N THR A 326 -15.63 7.32 24.62
CA THR A 326 -14.24 7.49 24.24
C THR A 326 -13.60 6.13 23.93
N ILE A 327 -12.99 6.04 22.75
CA ILE A 327 -12.29 4.86 22.26
C ILE A 327 -10.83 5.25 22.10
N THR A 328 -9.92 4.48 22.68
CA THR A 328 -8.52 4.88 22.67
C THR A 328 -7.63 3.84 22.00
N ALA A 329 -6.53 4.32 21.42
CA ALA A 329 -5.47 3.48 20.90
C ALA A 329 -4.15 4.19 21.15
N SER A 330 -3.07 3.48 20.83
CA SER A 330 -1.73 3.93 21.17
C SER A 330 -0.75 3.27 20.22
N PRO A 331 0.52 3.71 20.19
CA PRO A 331 1.49 3.10 19.27
C PRO A 331 1.55 1.58 19.31
N SER A 332 1.64 0.97 20.49
CA SER A 332 1.76 -0.48 20.57
C SER A 332 0.48 -1.19 20.98
N VAL A 333 -0.61 -0.45 21.19
CA VAL A 333 -1.92 -1.05 21.39
C VAL A 333 -2.84 -0.48 20.32
N PRO A 334 -2.69 -0.87 19.07
CA PRO A 334 -3.59 -0.37 18.03
C PRO A 334 -4.90 -1.12 18.02
N ILE A 335 -5.91 -0.49 17.43
CA ILE A 335 -7.17 -1.16 17.14
C ILE A 335 -7.01 -1.81 15.77
N PHE A 336 -7.25 -3.12 15.71
CA PHE A 336 -7.02 -3.86 14.47
C PHE A 336 -8.28 -4.45 13.88
N ARG A 337 -9.45 -4.21 14.47
CA ARG A 337 -10.66 -4.82 13.97
C ARG A 337 -11.86 -4.02 14.44
N THR A 338 -12.78 -3.73 13.52
CA THR A 338 -14.08 -3.16 13.85
C THR A 338 -15.17 -4.13 13.45
N LEU A 339 -16.17 -4.28 14.33
CA LEU A 339 -17.38 -5.05 14.05
C LEU A 339 -18.59 -4.12 14.15
N SER A 340 -19.12 -3.69 13.01
CA SER A 340 -20.12 -2.64 12.96
C SER A 340 -21.55 -3.16 12.84
N TYR A 341 -22.46 -2.51 13.55
CA TYR A 341 -23.91 -2.71 13.41
C TYR A 341 -24.53 -1.50 12.72
N PRO A 342 -24.70 -1.54 11.39
CA PRO A 342 -25.39 -0.44 10.70
C PRO A 342 -26.90 -0.44 10.96
N THR A 343 -27.47 0.77 11.10
CA THR A 343 -28.90 0.92 11.32
C THR A 343 -29.71 0.17 10.26
N GLY A 344 -29.26 0.17 9.00
CA GLY A 344 -29.96 -0.47 7.89
C GLY A 344 -30.15 -1.98 8.03
N LEU A 345 -29.52 -2.61 9.03
CA LEU A 345 -29.82 -4.00 9.33
C LEU A 345 -31.30 -4.21 9.64
N ASP A 346 -32.01 -3.15 10.04
CA ASP A 346 -33.47 -3.09 10.04
C ASP A 346 -33.88 -2.16 8.90
N ASN A 347 -34.48 -2.73 7.86
CA ASN A 347 -34.87 -1.99 6.66
C ASN A 347 -35.75 -0.77 7.00
N SER A 348 -36.27 -0.72 8.22
CA SER A 348 -37.24 0.28 8.65
C SER A 348 -36.63 1.47 9.38
N ASN A 349 -35.36 1.40 9.76
CA ASN A 349 -34.71 2.50 10.46
C ASN A 349 -34.66 3.78 9.62
N PRO A 350 -34.89 4.96 10.22
CA PRO A 350 -34.91 6.21 9.43
C PRO A 350 -33.55 6.82 9.12
N VAL A 351 -32.47 6.32 9.71
CA VAL A 351 -31.14 6.85 9.48
C VAL A 351 -30.27 5.78 8.84
N ALA A 352 -29.44 6.18 7.88
CA ALA A 352 -28.35 5.33 7.40
C ALA A 352 -27.11 5.69 8.22
N GLY A 353 -26.74 4.82 9.14
CA GLY A 353 -25.60 5.08 9.99
C GLY A 353 -25.25 3.88 10.83
N ILE A 354 -24.47 4.12 11.87
CA ILE A 354 -23.94 3.06 12.73
C ILE A 354 -24.69 3.08 14.06
N GLU A 355 -25.38 1.98 14.36
CA GLU A 355 -25.94 1.80 15.69
C GLU A 355 -24.89 1.43 16.73
N GLY A 356 -23.85 0.71 16.35
CA GLY A 356 -22.80 0.39 17.29
C GLY A 356 -21.60 -0.21 16.61
N VAL A 357 -20.46 -0.17 17.31
CA VAL A 357 -19.22 -0.77 16.83
C VAL A 357 -18.51 -1.41 18.00
N GLU A 358 -17.98 -2.61 17.78
CA GLU A 358 -16.98 -3.19 18.66
C GLU A 358 -15.61 -2.88 18.07
N PHE A 359 -14.72 -2.33 18.89
CA PHE A 359 -13.32 -2.10 18.54
C PHE A 359 -12.48 -3.13 19.26
N GLN A 360 -11.65 -3.86 18.53
CA GLN A 360 -10.73 -4.82 19.13
C GLN A 360 -9.31 -4.27 19.00
N ASN A 361 -8.61 -4.14 20.13
CA ASN A 361 -7.19 -3.83 20.12
C ASN A 361 -6.40 -5.06 20.56
N THR A 362 -5.08 -4.96 20.46
CA THR A 362 -4.21 -6.11 20.69
C THR A 362 -4.25 -6.62 22.13
N ILE A 363 -4.94 -5.93 23.04
CA ILE A 363 -5.03 -6.34 24.43
C ILE A 363 -6.47 -6.61 24.85
N SER A 364 -7.41 -5.77 24.45
CA SER A 364 -8.77 -5.81 24.96
C SER A 364 -9.73 -5.25 23.92
N ARG A 365 -10.97 -5.02 24.35
CA ARG A 365 -12.07 -4.64 23.48
C ARG A 365 -12.84 -3.47 24.10
N SER A 366 -13.40 -2.63 23.24
CA SER A 366 -14.31 -1.59 23.68
C SER A 366 -15.49 -1.56 22.73
N ILE A 367 -16.69 -1.43 23.27
CA ILE A 367 -17.91 -1.51 22.48
C ILE A 367 -18.63 -0.19 22.60
N TYR A 368 -18.82 0.49 21.48
CA TYR A 368 -19.73 1.61 21.39
C TYR A 368 -21.12 1.02 21.14
N ARG A 369 -21.96 1.04 22.18
CA ARG A 369 -23.37 0.71 22.13
C ARG A 369 -23.63 -0.79 21.94
N LYS A 370 -23.08 -1.41 20.89
CA LYS A 370 -23.22 -2.85 20.65
C LYS A 370 -22.35 -3.26 19.46
N SER A 371 -22.08 -4.55 19.38
CA SER A 371 -21.30 -5.13 18.30
C SER A 371 -22.20 -5.46 17.10
N GLY A 372 -21.58 -5.60 15.94
CA GLY A 372 -22.31 -5.86 14.73
C GLY A 372 -21.55 -6.78 13.80
N PRO A 373 -22.16 -7.12 12.66
CA PRO A 373 -21.57 -8.11 11.75
C PRO A 373 -20.70 -7.57 10.61
N ILE A 374 -20.67 -6.26 10.38
CA ILE A 374 -19.82 -5.70 9.34
C ILE A 374 -18.39 -5.68 9.87
N ASP A 375 -17.56 -6.59 9.34
CA ASP A 375 -16.28 -6.99 9.93
C ASP A 375 -15.16 -6.41 9.06
N SER A 376 -14.33 -5.55 9.66
CA SER A 376 -13.18 -5.02 8.93
C SER A 376 -12.32 -6.13 8.35
N PHE A 377 -12.20 -7.27 9.05
CA PHE A 377 -11.45 -8.40 8.53
C PHE A 377 -11.94 -8.87 7.17
N SER A 378 -13.19 -8.59 6.81
CA SER A 378 -13.67 -9.02 5.51
C SER A 378 -12.88 -8.35 4.37
N GLU A 379 -12.76 -7.02 4.42
CA GLU A 379 -12.06 -6.31 3.35
C GLU A 379 -10.59 -6.09 3.64
N LEU A 380 -10.17 -6.15 4.90
CA LEU A 380 -8.78 -5.99 5.32
C LEU A 380 -8.41 -7.16 6.23
N PRO A 381 -8.35 -8.37 5.68
CA PRO A 381 -8.07 -9.54 6.51
C PRO A 381 -6.68 -9.48 7.09
N PRO A 382 -6.37 -10.28 8.09
CA PRO A 382 -5.02 -10.27 8.64
C PRO A 382 -4.02 -10.80 7.62
N GLN A 383 -2.78 -10.34 7.74
CA GLN A 383 -1.71 -10.78 6.84
C GLN A 383 -1.17 -12.16 7.20
N ASP A 384 -1.55 -12.71 8.34
CA ASP A 384 -1.15 -14.06 8.73
C ASP A 384 -2.32 -14.67 9.48
N ALA A 385 -2.98 -15.65 8.86
CA ALA A 385 -4.14 -16.31 9.48
C ALA A 385 -3.76 -17.50 10.35
N SER A 386 -2.52 -17.98 10.28
CA SER A 386 -2.08 -19.08 11.11
C SER A 386 -1.81 -18.67 12.54
N VAL A 387 -2.06 -17.42 12.88
CA VAL A 387 -1.71 -16.86 14.16
C VAL A 387 -2.90 -16.04 14.64
N SER A 388 -2.92 -15.69 15.92
CA SER A 388 -4.07 -14.97 16.46
C SER A 388 -4.29 -13.64 15.73
N PRO A 389 -5.52 -13.13 15.71
CA PRO A 389 -5.77 -11.86 15.00
C PRO A 389 -4.95 -10.72 15.55
N ALA A 390 -4.72 -10.68 16.86
CA ALA A 390 -3.99 -9.57 17.44
C ALA A 390 -2.53 -9.57 17.03
N ILE A 391 -2.01 -10.71 16.58
CA ILE A 391 -0.61 -10.83 16.18
C ILE A 391 -0.52 -10.70 14.66
N GLY A 392 -1.54 -11.18 13.95
CA GLY A 392 -1.51 -11.34 12.52
C GLY A 392 -2.28 -10.31 11.68
N TYR A 393 -2.88 -9.30 12.30
CA TYR A 393 -3.59 -8.24 11.57
C TYR A 393 -2.67 -7.57 10.55
N SER A 394 -3.28 -7.02 9.50
CA SER A 394 -2.56 -6.32 8.46
C SER A 394 -2.67 -4.79 8.53
N HIS A 395 -3.71 -4.26 9.15
CA HIS A 395 -3.95 -2.82 9.18
C HIS A 395 -4.33 -2.38 10.58
N ARG A 396 -4.09 -1.09 10.86
CA ARG A 396 -4.51 -0.49 12.11
C ARG A 396 -5.49 0.64 11.84
N LEU A 397 -6.48 0.76 12.72
CA LEU A 397 -7.48 1.80 12.57
C LEU A 397 -6.82 3.17 12.69
N CYS A 398 -7.04 4.00 11.67
CA CYS A 398 -6.40 5.32 11.56
C CYS A 398 -7.34 6.46 11.91
N HIS A 399 -8.50 6.55 11.26
CA HIS A 399 -9.32 7.75 11.33
C HIS A 399 -10.77 7.34 11.08
N ALA A 400 -11.67 8.32 11.16
CA ALA A 400 -13.06 8.14 10.75
C ALA A 400 -13.59 9.46 10.21
N THR A 401 -14.16 9.43 9.02
CA THR A 401 -14.79 10.62 8.45
C THR A 401 -16.31 10.40 8.38
N PHE A 402 -17.01 11.38 7.80
CA PHE A 402 -18.45 11.44 8.03
C PHE A 402 -19.14 12.18 6.90
N LEU A 403 -20.01 11.49 6.18
CA LEU A 403 -20.89 12.12 5.21
C LEU A 403 -22.23 12.37 5.91
N GLU A 404 -22.58 13.64 6.09
CA GLU A 404 -23.79 14.02 6.82
C GLU A 404 -24.86 14.58 5.89
N ARG A 405 -26.06 14.02 6.00
CA ARG A 405 -27.27 14.54 5.34
C ARG A 405 -28.36 14.58 6.40
N ILE A 406 -28.80 15.79 6.75
CA ILE A 406 -29.83 15.93 7.78
C ILE A 406 -31.22 15.82 7.19
N SER A 407 -31.47 16.51 6.07
CA SER A 407 -32.74 16.41 5.37
C SER A 407 -32.81 15.12 4.55
N GLY A 408 -33.56 15.13 3.42
CA GLY A 408 -33.83 13.97 2.58
C GLY A 408 -34.00 12.69 3.38
N PRO A 409 -33.61 11.55 2.80
CA PRO A 409 -33.26 10.37 3.62
C PRO A 409 -32.02 10.67 4.47
N ARG A 410 -32.13 10.46 5.77
CA ARG A 410 -31.12 10.92 6.71
C ARG A 410 -29.88 10.03 6.69
N ILE A 411 -28.71 10.64 6.55
CA ILE A 411 -27.45 9.92 6.41
C ILE A 411 -26.49 10.40 7.50
N ALA A 412 -25.99 9.44 8.28
CA ALA A 412 -24.86 9.62 9.21
C ALA A 412 -23.70 8.73 8.76
N GLY A 413 -23.07 9.11 7.65
CA GLY A 413 -22.13 8.22 6.99
C GLY A 413 -20.73 8.09 7.56
N THR A 414 -20.60 7.48 8.74
CA THR A 414 -19.29 7.19 9.31
C THR A 414 -18.52 6.18 8.47
N VAL A 415 -17.27 6.50 8.15
CA VAL A 415 -16.41 5.60 7.37
C VAL A 415 -15.07 5.48 8.08
N PHE A 416 -14.58 4.25 8.22
CA PHE A 416 -13.31 4.01 8.89
C PHE A 416 -12.17 3.97 7.88
N SER A 417 -11.05 4.61 8.23
CA SER A 417 -9.85 4.59 7.41
C SER A 417 -8.72 3.92 8.18
N TRP A 418 -7.84 3.26 7.43
CA TRP A 418 -6.83 2.37 8.00
C TRP A 418 -5.49 2.60 7.34
N THR A 419 -4.41 2.39 8.10
CA THR A 419 -3.07 2.37 7.53
C THR A 419 -2.50 0.96 7.61
N HIS A 420 -1.74 0.61 6.59
CA HIS A 420 -1.09 -0.70 6.56
C HIS A 420 -0.02 -0.84 7.64
N ARG A 421 0.12 -2.06 8.15
CA ARG A 421 1.02 -2.34 9.25
C ARG A 421 2.48 -1.93 8.96
N SER A 422 2.91 -1.97 7.70
CA SER A 422 4.29 -1.62 7.36
C SER A 422 4.62 -0.15 7.62
N ALA A 423 3.62 0.72 7.80
CA ALA A 423 3.88 2.14 8.10
C ALA A 423 3.87 2.32 9.61
N SER A 424 5.00 1.99 10.24
CA SER A 424 5.08 1.93 11.69
C SER A 424 4.91 3.31 12.34
N PRO A 425 4.43 3.36 13.58
CA PRO A 425 4.38 4.65 14.31
C PRO A 425 5.73 5.13 14.81
N THR A 426 6.81 4.43 14.48
CA THR A 426 8.16 4.90 14.77
C THR A 426 8.99 4.65 13.51
N ASN A 427 9.71 5.69 13.06
CA ASN A 427 10.64 5.53 11.94
C ASN A 427 11.92 4.93 12.50
N GLU A 428 12.02 3.60 12.45
CA GLU A 428 13.20 2.93 12.95
C GLU A 428 14.21 2.74 11.82
N VAL A 429 15.48 2.99 12.13
CA VAL A 429 16.58 2.77 11.20
C VAL A 429 17.55 1.77 11.82
N SER A 430 17.81 0.69 11.11
CA SER A 430 18.60 -0.44 11.54
C SER A 430 19.81 -0.62 10.65
N PRO A 431 20.98 -0.91 11.24
CA PRO A 431 22.21 -1.01 10.44
C PRO A 431 22.32 -2.27 9.60
N SER A 432 21.29 -3.12 9.59
CA SER A 432 21.30 -4.35 8.81
C SER A 432 20.37 -4.30 7.61
N ARG A 433 19.81 -3.13 7.32
CA ARG A 433 18.83 -2.94 6.27
C ARG A 433 19.18 -1.65 5.53
N ILE A 434 18.74 -1.56 4.29
CA ILE A 434 18.48 -0.25 3.70
C ILE A 434 17.07 0.14 4.12
N THR A 435 16.97 1.14 5.00
CA THR A 435 15.69 1.59 5.52
C THR A 435 15.08 2.63 4.57
N GLN A 436 13.81 2.43 4.22
CA GLN A 436 13.05 3.40 3.44
C GLN A 436 12.06 4.11 4.36
N ILE A 437 12.09 5.45 4.34
CA ILE A 437 11.16 6.25 5.12
C ILE A 437 10.51 7.30 4.24
N PRO A 438 9.27 7.10 3.83
CA PRO A 438 8.57 8.16 3.09
C PRO A 438 8.54 9.44 3.89
N TRP A 439 8.63 10.57 3.19
CA TRP A 439 8.67 11.81 3.95
C TRP A 439 7.32 12.17 4.55
N VAL A 440 6.21 11.58 4.05
CA VAL A 440 4.91 11.79 4.69
C VAL A 440 4.88 11.27 6.12
N LYS A 441 5.91 10.52 6.56
CA LYS A 441 6.02 10.09 7.94
C LYS A 441 6.75 11.11 8.81
N ALA A 442 6.85 12.35 8.32
CA ALA A 442 7.35 13.43 9.16
C ALA A 442 6.28 13.81 10.19
N HIS A 443 6.68 14.55 11.22
CA HIS A 443 5.72 14.95 12.22
C HIS A 443 5.37 16.44 12.22
N THR A 444 6.08 17.28 11.48
CA THR A 444 5.60 18.63 11.20
C THR A 444 5.59 18.83 9.70
N LEU A 445 4.67 19.68 9.24
CA LEU A 445 4.64 20.14 7.86
C LEU A 445 4.96 21.62 7.89
N ALA A 446 6.13 21.99 7.39
CA ALA A 446 6.53 23.39 7.40
C ALA A 446 5.57 24.23 6.59
N SER A 447 5.40 25.48 7.01
CA SER A 447 4.57 26.40 6.25
C SER A 447 5.13 26.55 4.83
N GLY A 448 4.23 26.62 3.85
CA GLY A 448 4.66 26.63 2.46
C GLY A 448 4.92 25.27 1.83
N ALA A 449 4.98 24.19 2.62
CA ALA A 449 5.12 22.83 2.10
C ALA A 449 3.75 22.17 2.01
N SER A 450 3.54 21.34 0.99
CA SER A 450 2.30 20.60 0.92
C SER A 450 2.53 19.12 0.61
N VAL A 451 1.72 18.28 1.27
CA VAL A 451 1.56 16.89 0.90
C VAL A 451 0.62 16.84 -0.30
N ILE A 452 1.04 16.19 -1.36
CA ILE A 452 0.17 16.07 -2.52
C ILE A 452 -0.06 14.60 -2.83
N LYS A 453 -1.12 14.35 -3.58
CA LYS A 453 -1.52 12.99 -3.92
C LYS A 453 -0.41 12.27 -4.68
N GLY A 454 -0.09 11.04 -4.25
CA GLY A 454 0.93 10.24 -4.90
C GLY A 454 0.49 9.70 -6.25
N PRO A 455 1.45 9.35 -7.12
CA PRO A 455 1.07 8.86 -8.46
C PRO A 455 0.30 7.54 -8.43
N GLY A 456 0.67 6.63 -7.53
CA GLY A 456 -0.02 5.36 -7.42
C GLY A 456 0.92 4.21 -7.14
N PHE A 457 2.20 4.40 -7.43
CA PHE A 457 3.17 3.32 -7.31
C PHE A 457 4.17 3.50 -6.18
N THR A 458 4.14 4.62 -5.46
CA THR A 458 5.12 4.78 -4.40
C THR A 458 4.71 4.10 -3.11
N GLY A 459 3.42 3.83 -2.95
CA GLY A 459 2.89 3.34 -1.70
C GLY A 459 2.24 4.39 -0.82
N GLY A 460 2.23 5.64 -1.26
CA GLY A 460 1.62 6.70 -0.45
C GLY A 460 1.76 8.04 -1.14
N ASP A 461 1.62 9.10 -0.35
CA ASP A 461 1.61 10.45 -0.90
C ASP A 461 3.02 11.04 -0.88
N ILE A 462 3.18 12.26 -1.38
CA ILE A 462 4.51 12.83 -1.61
C ILE A 462 4.52 14.29 -1.19
N LEU A 463 5.73 14.84 -1.11
CA LEU A 463 5.96 16.20 -0.66
C LEU A 463 6.52 17.09 -1.76
N THR A 464 6.07 18.35 -1.75
CA THR A 464 6.60 19.34 -2.66
C THR A 464 6.40 20.72 -2.06
N ARG A 465 7.00 21.71 -2.72
CA ARG A 465 6.84 23.12 -2.37
C ARG A 465 6.63 23.92 -3.64
N ASN A 466 5.79 24.95 -3.56
CA ASN A 466 5.66 25.87 -4.69
C ASN A 466 6.78 26.90 -4.73
N SER A 467 7.52 27.07 -3.64
CA SER A 467 8.66 27.97 -3.58
C SER A 467 9.65 27.39 -2.59
N MET A 468 10.93 27.77 -2.74
CA MET A 468 11.99 27.13 -1.98
C MET A 468 11.77 27.26 -0.47
N GLY A 469 12.09 26.19 0.25
CA GLY A 469 11.93 26.18 1.69
C GLY A 469 11.90 24.76 2.25
N GLU A 470 11.50 24.67 3.50
CA GLU A 470 11.53 23.43 4.28
C GLU A 470 10.29 22.58 4.03
N LEU A 471 10.48 21.26 4.10
CA LEU A 471 9.35 20.32 4.11
C LEU A 471 8.72 20.19 5.50
N GLY A 472 9.54 19.95 6.51
CA GLY A 472 9.07 19.70 7.87
C GLY A 472 9.95 18.65 8.51
N THR A 473 9.90 18.58 9.83
CA THR A 473 10.83 17.73 10.55
C THR A 473 10.34 16.28 10.61
N LEU A 474 11.28 15.35 10.40
CA LEU A 474 11.00 13.91 10.40
C LEU A 474 11.85 13.29 11.49
N ARG A 475 11.21 12.56 12.42
CA ARG A 475 11.92 11.94 13.55
C ARG A 475 12.28 10.49 13.23
N VAL A 476 13.48 10.10 13.67
CA VAL A 476 13.99 8.75 13.46
C VAL A 476 14.53 8.21 14.78
N THR A 477 14.43 6.89 14.96
CA THR A 477 15.09 6.17 16.04
C THR A 477 16.02 5.13 15.45
N PHE A 478 17.32 5.25 15.71
CA PHE A 478 18.29 4.23 15.32
C PHE A 478 18.28 3.09 16.32
N THR A 479 18.15 1.87 15.83
CA THR A 479 18.10 0.70 16.68
C THR A 479 19.42 -0.03 16.62
N GLY A 480 19.76 -0.72 17.70
CA GLY A 480 21.01 -1.44 17.77
C GLY A 480 22.13 -0.60 18.34
N ARG A 481 23.30 -1.23 18.44
CA ARG A 481 24.43 -0.58 19.09
C ARG A 481 24.93 0.57 18.23
N LEU A 482 25.02 1.72 18.84
CA LEU A 482 25.52 3.01 18.41
C LEU A 482 27.02 3.10 18.66
N PRO A 483 27.78 3.83 17.83
CA PRO A 483 27.32 4.67 16.74
C PRO A 483 27.17 3.92 15.43
N GLN A 484 26.49 4.53 14.46
CA GLN A 484 26.26 3.90 13.17
C GLN A 484 26.43 4.94 12.07
N SER A 485 26.88 4.48 10.91
CA SER A 485 27.15 5.35 9.78
C SER A 485 26.33 4.91 8.57
N TYR A 486 25.73 5.87 7.88
CA TYR A 486 24.86 5.59 6.75
C TYR A 486 25.15 6.57 5.62
N TYR A 487 24.99 6.09 4.40
CA TYR A 487 24.76 6.99 3.29
C TYR A 487 23.29 7.41 3.24
N ILE A 488 23.05 8.67 2.89
CA ILE A 488 21.69 9.20 2.77
C ILE A 488 21.34 9.21 1.28
N ARG A 489 20.14 8.74 0.96
CA ARG A 489 19.68 8.71 -0.41
C ARG A 489 18.21 9.13 -0.45
N PHE A 490 17.84 9.85 -1.50
CA PHE A 490 16.49 10.38 -1.66
C PHE A 490 15.89 9.88 -2.96
N ARG A 491 14.66 9.41 -2.88
CA ARG A 491 13.88 9.17 -4.08
C ARG A 491 13.05 10.42 -4.33
N TYR A 492 13.17 10.97 -5.54
CA TYR A 492 12.64 12.29 -5.85
C TYR A 492 12.27 12.33 -7.32
N ALA A 493 11.53 13.38 -7.67
CA ALA A 493 11.24 13.74 -9.04
C ALA A 493 11.49 15.23 -9.19
N SER A 494 11.90 15.66 -10.39
CA SER A 494 12.30 17.04 -10.59
C SER A 494 12.02 17.51 -12.02
N VAL A 495 11.45 18.71 -12.15
CA VAL A 495 11.16 19.24 -13.48
C VAL A 495 12.34 19.96 -14.09
N ALA A 496 13.43 20.12 -13.34
CA ALA A 496 14.62 20.85 -13.77
C ALA A 496 15.75 20.48 -12.83
N ASN A 497 16.97 20.94 -13.13
CA ASN A 497 18.05 20.73 -12.19
C ASN A 497 17.85 21.63 -10.98
N ARG A 498 17.67 21.00 -9.82
CA ARG A 498 17.39 21.73 -8.59
C ARG A 498 18.26 21.19 -7.49
N SER A 499 18.20 21.83 -6.34
CA SER A 499 19.03 21.39 -5.23
C SER A 499 18.28 21.62 -3.93
N GLY A 500 18.88 21.17 -2.84
CA GLY A 500 18.34 21.40 -1.52
C GLY A 500 19.41 21.24 -0.47
N THR A 501 19.00 21.39 0.79
CA THR A 501 19.91 21.26 1.93
C THR A 501 19.30 20.32 2.96
N PHE A 502 20.10 19.37 3.43
CA PHE A 502 19.72 18.34 4.39
C PHE A 502 20.36 18.63 5.75
N ARG A 503 19.52 18.68 6.81
CA ARG A 503 19.97 19.00 8.16
C ARG A 503 19.50 17.95 9.17
N TYR A 504 20.25 17.82 10.25
CA TYR A 504 19.78 17.12 11.44
C TYR A 504 20.06 18.05 12.62
N SER A 505 20.02 17.53 13.84
CA SER A 505 19.99 18.40 15.01
C SER A 505 21.38 18.83 15.46
N GLN A 506 22.41 18.42 14.74
CA GLN A 506 23.80 18.79 14.92
C GLN A 506 24.27 19.61 13.73
N PRO A 507 25.32 20.40 13.89
CA PRO A 507 25.56 21.54 13.00
C PRO A 507 25.93 21.20 11.56
N PRO A 508 26.55 20.05 11.25
CA PRO A 508 26.92 19.82 9.83
C PRO A 508 25.70 19.57 8.95
N SER A 509 25.47 20.47 7.99
CA SER A 509 24.43 20.31 6.98
C SER A 509 25.06 19.89 5.64
N TYR A 510 24.21 19.50 4.68
CA TYR A 510 24.72 18.84 3.48
C TYR A 510 23.87 19.16 2.25
N GLY A 511 24.52 19.56 1.16
CA GLY A 511 23.79 19.88 -0.06
C GLY A 511 23.32 18.63 -0.78
N ILE A 512 22.13 18.71 -1.36
CA ILE A 512 21.52 17.62 -2.08
C ILE A 512 21.18 18.12 -3.48
N SER A 513 21.45 17.32 -4.50
CA SER A 513 21.10 17.72 -5.86
C SER A 513 19.96 16.87 -6.39
N PHE A 514 19.16 17.50 -7.25
CA PHE A 514 17.94 16.91 -7.80
C PHE A 514 17.98 17.12 -9.31
N PRO A 515 18.80 16.35 -10.01
CA PRO A 515 18.86 16.49 -11.47
C PRO A 515 17.52 16.22 -12.10
N LYS A 516 17.16 17.04 -13.08
CA LYS A 516 15.91 16.91 -13.83
C LYS A 516 15.57 15.46 -14.17
N THR A 517 14.30 15.10 -13.95
CA THR A 517 13.76 13.79 -14.30
C THR A 517 12.53 13.85 -15.20
N MET A 518 11.97 15.03 -15.41
CA MET A 518 10.72 15.14 -16.15
C MET A 518 10.57 16.56 -16.65
N ASP A 519 9.51 16.80 -17.42
CA ASP A 519 9.19 18.15 -17.86
C ASP A 519 8.03 18.71 -17.07
N ALA A 520 8.08 20.02 -16.83
CA ALA A 520 6.96 20.72 -16.19
C ALA A 520 5.67 20.41 -16.92
N GLY A 521 4.65 20.02 -16.18
CA GLY A 521 3.37 19.71 -16.76
C GLY A 521 3.18 18.28 -17.25
N GLU A 522 4.25 17.48 -17.33
CA GLU A 522 3.87 16.11 -17.63
C GLU A 522 3.52 15.38 -16.34
N PRO A 523 2.73 14.31 -16.41
CA PRO A 523 2.37 13.57 -15.19
C PRO A 523 3.54 12.77 -14.63
N LEU A 524 3.48 12.54 -13.33
CA LEU A 524 4.44 11.65 -12.68
C LEU A 524 4.22 10.21 -13.16
N THR A 525 5.22 9.63 -13.80
CA THR A 525 5.16 8.23 -14.15
C THR A 525 6.38 7.53 -13.54
N SER A 526 6.48 6.23 -13.76
CA SER A 526 7.51 5.44 -13.07
C SER A 526 8.90 6.06 -13.25
N ARG A 527 9.28 6.39 -14.47
CA ARG A 527 10.63 6.91 -14.73
C ARG A 527 10.83 8.33 -14.23
N SER A 528 9.74 9.06 -13.89
CA SER A 528 9.84 10.41 -13.33
C SER A 528 10.54 10.42 -11.98
N PHE A 529 10.62 9.29 -11.29
CA PHE A 529 11.30 9.24 -10.00
C PHE A 529 12.67 8.60 -10.16
N ALA A 530 13.66 9.23 -9.52
CA ALA A 530 15.05 8.76 -9.51
C ALA A 530 15.59 8.83 -8.09
N HIS A 531 16.78 8.26 -7.91
CA HIS A 531 17.52 8.34 -6.66
C HIS A 531 18.63 9.39 -6.76
N THR A 532 18.91 10.04 -5.66
CA THR A 532 20.08 10.89 -5.54
C THR A 532 20.75 10.57 -4.22
N THR A 533 22.08 10.47 -4.24
CA THR A 533 22.83 9.98 -3.11
C THR A 533 23.80 11.06 -2.59
N LEU A 534 23.84 11.21 -1.27
CA LEU A 534 24.85 12.03 -0.61
C LEU A 534 26.05 11.13 -0.33
N PHE A 535 27.16 11.38 -1.02
CA PHE A 535 28.26 10.42 -0.95
C PHE A 535 29.20 10.65 0.22
N THR A 536 28.98 11.71 1.00
CA THR A 536 29.62 11.85 2.29
C THR A 536 28.76 11.16 3.33
N PRO A 537 29.17 10.01 3.87
CA PRO A 537 28.35 9.34 4.89
C PRO A 537 28.34 10.12 6.20
N ILE A 538 27.25 9.97 6.94
CA ILE A 538 27.07 10.63 8.24
C ILE A 538 27.11 9.57 9.33
N THR A 539 27.72 9.93 10.46
CA THR A 539 27.78 9.06 11.63
C THR A 539 26.91 9.64 12.74
N PHE A 540 26.04 8.81 13.29
CA PHE A 540 25.15 9.23 14.35
C PHE A 540 25.51 8.51 15.64
N SER A 541 25.34 9.18 16.77
CA SER A 541 25.65 8.57 18.05
C SER A 541 24.53 8.75 19.07
N ARG A 542 23.44 9.38 18.70
CA ARG A 542 22.24 9.43 19.52
C ARG A 542 21.14 8.60 18.89
N ALA A 543 20.38 7.89 19.73
CA ALA A 543 19.36 6.98 19.22
C ALA A 543 18.24 7.72 18.50
N GLN A 544 17.76 8.81 19.08
CA GLN A 544 16.70 9.61 18.49
C GLN A 544 17.33 10.78 17.75
N GLU A 545 16.89 11.00 16.50
CA GLU A 545 17.43 12.04 15.64
C GLU A 545 16.29 12.73 14.90
N GLU A 546 16.51 14.00 14.54
CA GLU A 546 15.50 14.81 13.87
C GLU A 546 16.09 15.37 12.58
N PHE A 547 15.38 15.16 11.45
CA PHE A 547 15.90 15.50 10.14
C PHE A 547 15.04 16.56 9.47
N ASP A 548 15.69 17.48 8.76
CA ASP A 548 15.01 18.49 7.97
C ASP A 548 15.55 18.49 6.54
N LEU A 549 14.68 18.84 5.60
CA LEU A 549 15.05 18.92 4.21
C LEU A 549 14.50 20.20 3.62
N TYR A 550 15.40 21.09 3.19
CA TYR A 550 15.06 22.30 2.45
C TYR A 550 15.25 22.03 0.96
N ILE A 551 14.24 22.36 0.15
CA ILE A 551 14.27 22.07 -1.28
C ILE A 551 13.85 23.30 -2.07
N GLN A 552 14.39 23.44 -3.27
CA GLN A 552 13.89 24.44 -4.20
C GLN A 552 12.55 23.99 -4.74
N SER A 553 11.90 24.85 -5.52
CA SER A 553 10.63 24.49 -6.13
C SER A 553 10.85 23.51 -7.28
N GLY A 554 9.76 22.92 -7.75
CA GLY A 554 9.80 21.96 -8.85
C GLY A 554 10.39 20.61 -8.50
N VAL A 555 10.52 20.30 -7.21
CA VAL A 555 11.03 19.03 -6.71
C VAL A 555 9.92 18.33 -5.95
N TYR A 556 9.75 17.04 -6.22
CA TYR A 556 8.86 16.17 -5.44
C TYR A 556 9.69 15.16 -4.67
N ILE A 557 9.46 15.09 -3.37
CA ILE A 557 10.16 14.14 -2.50
C ILE A 557 9.21 12.98 -2.15
N ASP A 558 9.68 11.76 -2.37
CA ASP A 558 8.97 10.56 -1.96
C ASP A 558 9.55 10.05 -0.65
N ARG A 559 10.81 9.59 -0.65
CA ARG A 559 11.33 9.00 0.58
C ARG A 559 12.80 9.32 0.73
N ILE A 560 13.24 9.25 2.00
CA ILE A 560 14.65 9.23 2.37
C ILE A 560 15.01 7.78 2.63
N GLU A 561 16.28 7.45 2.35
CA GLU A 561 16.78 6.10 2.55
C GLU A 561 18.09 6.14 3.31
N PHE A 562 18.32 5.13 4.13
CA PHE A 562 19.55 5.02 4.91
C PHE A 562 20.25 3.74 4.49
N ILE A 563 21.44 3.90 3.91
CA ILE A 563 22.26 2.81 3.41
C ILE A 563 23.42 2.61 4.37
N PRO A 564 23.50 1.47 5.07
CA PRO A 564 24.61 1.25 6.01
C PRO A 564 25.96 1.26 5.30
N VAL A 565 26.92 1.96 5.91
CA VAL A 565 28.28 1.98 5.40
C VAL A 565 28.90 0.59 5.48
N THR A 566 28.71 -0.06 6.63
CA THR A 566 29.13 -1.45 6.83
C THR A 566 28.04 -2.18 7.62
N ALA A 567 27.95 -3.49 7.43
CA ALA A 567 26.85 -4.34 7.92
C ALA A 567 25.54 -3.91 7.26
#